data_4ZBG
#
_entry.id   4ZBG
#
_cell.length_a   29.810
_cell.length_b   57.110
_cell.length_c   44.060
_cell.angle_alpha   90.000
_cell.angle_beta   96.530
_cell.angle_gamma   90.000
#
_symmetry.space_group_name_H-M   'P 1 21 1'
#
loop_
_entity.id
_entity.type
_entity.pdbx_description
1 polymer Acetyltransferase
2 non-polymer 'ACETYL COENZYME *A'
3 non-polymer GLYCEROL
4 water water
#
_entity_poly.entity_id   1
_entity_poly.type   'polypeptide(L)'
_entity_poly.pdbx_seq_one_letter_code
;MAHHHHHHMHIRKERPQDAAEIRQVTEAAFRPVAYSNQKEGEIVDALRAAKALTLSLVAEEDGQVLGHIAFSPVLIGGAE
KGWYGLGPVSVLPARQGEGIGGKLIREGLAQLRGAGARGCVLLGDLGYYRRFGFKADARQKLPGVPPEYFQCLAFGPDMP
QGDVAYHAAFDA
;
_entity_poly.pdbx_strand_id   A
#
loop_
_chem_comp.id
_chem_comp.type
_chem_comp.name
_chem_comp.formula
ACO non-polymer 'ACETYL COENZYME *A' 'C23 H38 N7 O17 P3 S'
GOL non-polymer GLYCEROL 'C3 H8 O3'
#
# COMPACT_ATOMS: atom_id res chain seq x y z
N HIS A 6 -14.73 -15.21 -16.71
CA HIS A 6 -14.32 -15.41 -15.32
C HIS A 6 -12.80 -15.51 -15.21
N HIS A 7 -12.11 -15.19 -16.30
CA HIS A 7 -10.65 -15.17 -16.31
C HIS A 7 -10.12 -13.74 -16.24
N HIS A 8 -10.99 -12.78 -15.93
CA HIS A 8 -10.59 -11.38 -15.88
C HIS A 8 -9.97 -11.03 -14.54
N MET A 9 -8.98 -10.14 -14.56
N MET A 9 -9.00 -10.12 -14.55
CA MET A 9 -8.45 -9.65 -13.31
CA MET A 9 -8.40 -9.63 -13.32
C MET A 9 -9.41 -8.63 -12.74
C MET A 9 -9.25 -8.52 -12.70
N HIS A 10 -9.60 -8.67 -11.43
CA HIS A 10 -10.40 -7.66 -10.77
C HIS A 10 -9.77 -7.29 -9.44
N ILE A 11 -10.03 -6.07 -9.01
CA ILE A 11 -9.53 -5.55 -7.75
C ILE A 11 -10.65 -5.53 -6.73
N ARG A 12 -10.35 -5.97 -5.52
CA ARG A 12 -11.35 -5.93 -4.45
C ARG A 12 -10.65 -5.76 -3.11
N LYS A 13 -11.43 -5.40 -2.10
CA LYS A 13 -10.92 -5.36 -0.73
CA LYS A 13 -10.91 -5.36 -0.74
C LYS A 13 -10.62 -6.77 -0.26
N GLU A 14 -9.61 -6.89 0.59
CA GLU A 14 -9.29 -8.18 1.16
C GLU A 14 -10.44 -8.68 2.02
N ARG A 15 -10.50 -10.00 2.19
N ARG A 15 -10.49 -10.00 2.15
CA ARG A 15 -11.34 -10.59 3.20
CA ARG A 15 -11.33 -10.68 3.14
C ARG A 15 -10.41 -11.44 4.06
C ARG A 15 -10.37 -11.40 4.08
N PRO A 16 -10.83 -11.76 5.29
CA PRO A 16 -9.98 -12.49 6.24
C PRO A 16 -9.36 -13.76 5.65
N GLN A 17 -10.12 -14.42 4.77
CA GLN A 17 -9.67 -15.65 4.14
C GLN A 17 -8.44 -15.44 3.24
N ASP A 18 -8.14 -14.20 2.88
CA ASP A 18 -7.04 -13.91 1.96
C ASP A 18 -5.68 -13.79 2.63
N ALA A 19 -5.64 -13.80 3.97
CA ALA A 19 -4.43 -13.37 4.69
C ALA A 19 -3.18 -14.17 4.32
N ALA A 20 -3.32 -15.48 4.23
CA ALA A 20 -2.15 -16.32 3.94
C ALA A 20 -1.64 -16.04 2.55
N GLU A 21 -2.54 -15.96 1.57
CA GLU A 21 -2.12 -15.73 0.20
C GLU A 21 -1.53 -14.33 -0.01
N ILE A 22 -2.11 -13.33 0.63
CA ILE A 22 -1.54 -11.98 0.58
C ILE A 22 -0.11 -12.02 1.07
N ARG A 23 0.13 -12.72 2.17
CA ARG A 23 1.47 -12.76 2.72
C ARG A 23 2.43 -13.52 1.81
N GLN A 24 1.94 -14.57 1.18
CA GLN A 24 2.75 -15.33 0.22
C GLN A 24 3.17 -14.46 -0.97
N VAL A 25 2.23 -13.69 -1.50
CA VAL A 25 2.55 -12.79 -2.61
C VAL A 25 3.55 -11.72 -2.19
N THR A 26 3.30 -11.12 -1.03
CA THR A 26 4.17 -10.09 -0.50
C THR A 26 5.58 -10.63 -0.33
N GLU A 27 5.69 -11.81 0.27
CA GLU A 27 7.01 -12.36 0.55
C GLU A 27 7.72 -12.77 -0.73
N ALA A 28 6.97 -13.24 -1.73
CA ALA A 28 7.57 -13.56 -3.03
C ALA A 28 8.09 -12.30 -3.70
N ALA A 29 7.33 -11.22 -3.64
CA ALA A 29 7.73 -9.97 -4.28
C ALA A 29 9.00 -9.39 -3.65
N PHE A 30 9.12 -9.48 -2.32
CA PHE A 30 10.23 -8.85 -1.61
C PHE A 30 11.43 -9.79 -1.43
N ARG A 31 11.28 -11.07 -1.71
CA ARG A 31 12.37 -12.02 -1.47
C ARG A 31 13.70 -11.61 -2.11
N PRO A 32 13.69 -11.13 -3.38
CA PRO A 32 14.97 -10.74 -3.99
C PRO A 32 15.33 -9.26 -3.81
N VAL A 33 14.50 -8.51 -3.11
CA VAL A 33 14.78 -7.09 -2.92
C VAL A 33 15.94 -6.96 -1.94
N ALA A 34 17.04 -6.36 -2.39
CA ALA A 34 18.32 -6.47 -1.70
C ALA A 34 18.35 -5.78 -0.34
N TYR A 35 17.55 -4.72 -0.20
CA TYR A 35 17.52 -3.98 1.06
CA TYR A 35 17.48 -3.93 1.03
C TYR A 35 16.38 -4.44 1.97
N SER A 36 15.61 -5.41 1.52
CA SER A 36 14.49 -5.87 2.33
C SER A 36 14.91 -6.86 3.39
N ASN A 37 14.48 -6.61 4.62
CA ASN A 37 14.69 -7.58 5.68
C ASN A 37 13.58 -8.59 5.77
N GLN A 38 12.77 -8.66 4.71
CA GLN A 38 11.77 -9.71 4.57
C GLN A 38 10.71 -9.60 5.63
N LYS A 39 10.42 -8.38 6.05
CA LYS A 39 9.44 -8.14 7.09
CA LYS A 39 9.44 -8.14 7.09
C LYS A 39 8.11 -7.64 6.55
N GLU A 40 8.01 -7.47 5.23
CA GLU A 40 6.81 -6.85 4.66
C GLU A 40 5.55 -7.66 4.92
N GLY A 41 5.66 -8.98 4.84
CA GLY A 41 4.53 -9.83 5.17
C GLY A 41 4.14 -9.72 6.62
N GLU A 42 5.15 -9.71 7.48
CA GLU A 42 4.91 -9.54 8.91
CA GLU A 42 4.94 -9.51 8.92
C GLU A 42 4.23 -8.19 9.20
N ILE A 43 4.66 -7.15 8.48
CA ILE A 43 4.12 -5.82 8.69
C ILE A 43 2.63 -5.78 8.34
N VAL A 44 2.27 -6.32 7.19
CA VAL A 44 0.87 -6.35 6.81
C VAL A 44 0.05 -7.05 7.89
N ASP A 45 0.54 -8.20 8.36
CA ASP A 45 -0.21 -8.95 9.35
C ASP A 45 -0.29 -8.21 10.69
N ALA A 46 0.76 -7.50 11.05
CA ALA A 46 0.77 -6.71 12.28
C ALA A 46 -0.17 -5.51 12.18
N LEU A 47 -0.21 -4.84 11.03
CA LEU A 47 -1.19 -3.77 10.81
C LEU A 47 -2.60 -4.31 10.98
N ARG A 48 -2.88 -5.45 10.36
CA ARG A 48 -4.20 -6.04 10.48
C ARG A 48 -4.55 -6.36 11.94
N ALA A 49 -3.60 -6.96 12.65
CA ALA A 49 -3.79 -7.32 14.04
C ALA A 49 -4.08 -6.09 14.90
N ALA A 50 -3.50 -4.96 14.53
CA ALA A 50 -3.62 -3.72 15.30
C ALA A 50 -4.80 -2.87 14.87
N LYS A 51 -5.61 -3.36 13.92
CA LYS A 51 -6.71 -2.60 13.33
C LYS A 51 -6.21 -1.30 12.70
N ALA A 52 -5.00 -1.35 12.14
CA ALA A 52 -4.38 -0.20 11.50
C ALA A 52 -4.18 -0.41 10.00
N LEU A 53 -4.73 -1.51 9.48
CA LEU A 53 -4.71 -1.77 8.04
C LEU A 53 -5.94 -1.06 7.46
N THR A 54 -5.78 0.22 7.17
CA THR A 54 -6.90 1.06 6.78
C THR A 54 -7.57 0.56 5.53
N LEU A 55 -6.74 0.20 4.56
CA LEU A 55 -7.24 -0.30 3.29
C LEU A 55 -6.29 -1.36 2.78
N SER A 56 -6.85 -2.47 2.31
CA SER A 56 -6.06 -3.59 1.83
C SER A 56 -6.77 -4.12 0.60
N LEU A 57 -6.14 -3.97 -0.56
CA LEU A 57 -6.76 -4.40 -1.82
C LEU A 57 -5.93 -5.51 -2.44
N VAL A 58 -6.62 -6.43 -3.10
CA VAL A 58 -5.97 -7.46 -3.89
C VAL A 58 -6.38 -7.37 -5.34
N ALA A 59 -5.47 -7.74 -6.22
CA ALA A 59 -5.77 -8.01 -7.62
C ALA A 59 -5.87 -9.51 -7.74
N GLU A 60 -7.01 -9.99 -8.24
CA GLU A 60 -7.31 -11.42 -8.27
C GLU A 60 -7.66 -11.82 -9.70
N GLU A 61 -7.15 -12.98 -10.11
CA GLU A 61 -7.46 -13.54 -11.41
C GLU A 61 -7.48 -15.04 -11.27
N ASP A 62 -8.54 -15.69 -11.77
CA ASP A 62 -8.71 -17.13 -11.65
C ASP A 62 -8.57 -17.60 -10.20
N GLY A 63 -9.06 -16.79 -9.27
CA GLY A 63 -9.04 -17.14 -7.86
C GLY A 63 -7.70 -16.99 -7.17
N GLN A 64 -6.70 -16.49 -7.89
CA GLN A 64 -5.35 -16.31 -7.34
C GLN A 64 -5.08 -14.83 -7.10
N VAL A 65 -4.47 -14.52 -5.96
CA VAL A 65 -4.02 -13.16 -5.69
C VAL A 65 -2.77 -12.89 -6.52
N LEU A 66 -2.83 -11.90 -7.40
CA LEU A 66 -1.67 -11.52 -8.21
C LEU A 66 -0.89 -10.36 -7.59
N GLY A 67 -1.56 -9.57 -6.76
CA GLY A 67 -0.95 -8.39 -6.19
C GLY A 67 -1.74 -7.91 -5.02
N HIS A 68 -1.11 -7.07 -4.21
CA HIS A 68 -1.69 -6.58 -2.98
C HIS A 68 -1.16 -5.18 -2.67
N ILE A 69 -1.98 -4.36 -2.03
CA ILE A 69 -1.54 -3.06 -1.55
C ILE A 69 -2.12 -2.79 -0.16
N ALA A 70 -1.28 -2.22 0.71
CA ALA A 70 -1.68 -1.78 2.04
C ALA A 70 -1.60 -0.27 2.19
N PHE A 71 -2.55 0.29 2.93
CA PHE A 71 -2.49 1.66 3.41
C PHE A 71 -2.75 1.67 4.90
N SER A 72 -2.11 2.59 5.62
CA SER A 72 -2.24 2.68 7.07
C SER A 72 -2.06 4.14 7.49
N PRO A 73 -2.55 4.52 8.67
CA PRO A 73 -2.45 5.93 9.04
C PRO A 73 -1.02 6.31 9.38
N VAL A 74 -0.63 7.54 9.05
CA VAL A 74 0.63 8.07 9.55
C VAL A 74 0.29 9.25 10.46
N LEU A 75 1.09 9.42 11.50
CA LEU A 75 0.96 10.59 12.36
C LEU A 75 1.86 11.67 11.82
N ILE A 76 1.43 12.92 11.94
CA ILE A 76 2.26 14.06 11.59
C ILE A 76 2.43 14.91 12.83
N GLY A 77 3.66 15.02 13.32
CA GLY A 77 3.89 15.68 14.59
C GLY A 77 3.06 15.08 15.71
N GLY A 78 2.83 13.78 15.63
CA GLY A 78 2.09 13.07 16.66
C GLY A 78 0.58 13.15 16.52
N ALA A 79 0.10 13.81 15.48
CA ALA A 79 -1.33 14.05 15.32
C ALA A 79 -1.93 13.25 14.16
N GLU A 80 -3.19 12.88 14.33
CA GLU A 80 -3.99 12.26 13.28
C GLU A 80 -4.63 13.38 12.45
N LYS A 81 -4.22 13.47 11.19
CA LYS A 81 -4.62 14.58 10.33
C LYS A 81 -5.18 14.09 8.99
N GLY A 82 -5.58 12.83 8.92
CA GLY A 82 -6.17 12.31 7.71
C GLY A 82 -5.16 11.91 6.65
N TRP A 83 -3.91 11.69 7.07
CA TRP A 83 -2.86 11.27 6.16
C TRP A 83 -2.52 9.80 6.35
N TYR A 84 -2.18 9.15 5.24
CA TYR A 84 -1.93 7.71 5.22
C TYR A 84 -0.61 7.44 4.53
N GLY A 85 -0.04 6.28 4.82
CA GLY A 85 1.14 5.82 4.14
C GLY A 85 0.78 4.66 3.24
N LEU A 86 1.35 4.68 2.04
CA LEU A 86 1.15 3.60 1.07
C LEU A 86 2.31 2.62 1.21
N GLY A 87 1.99 1.36 1.46
CA GLY A 87 3.01 0.32 1.44
C GLY A 87 2.83 -0.73 2.51
N PRO A 88 3.29 -1.95 2.25
CA PRO A 88 3.87 -2.36 0.97
C PRO A 88 2.84 -2.47 -0.16
N VAL A 89 3.34 -2.39 -1.39
CA VAL A 89 2.62 -2.83 -2.57
C VAL A 89 3.46 -3.93 -3.20
N SER A 90 2.81 -5.00 -3.63
CA SER A 90 3.50 -6.21 -4.07
C SER A 90 2.76 -6.83 -5.22
N VAL A 91 3.49 -7.25 -6.25
CA VAL A 91 2.90 -8.00 -7.36
C VAL A 91 3.76 -9.23 -7.58
N LEU A 92 3.15 -10.37 -7.85
CA LEU A 92 3.91 -11.59 -8.14
C LEU A 92 4.95 -11.28 -9.21
N PRO A 93 6.21 -11.67 -8.96
CA PRO A 93 7.27 -11.35 -9.93
C PRO A 93 6.91 -11.65 -11.38
N ALA A 94 6.33 -12.81 -11.65
CA ALA A 94 6.01 -13.20 -13.02
C ALA A 94 5.01 -12.28 -13.70
N ARG A 95 4.17 -11.61 -12.91
CA ARG A 95 3.11 -10.77 -13.45
C ARG A 95 3.40 -9.28 -13.34
N GLN A 96 4.63 -8.92 -12.94
CA GLN A 96 5.02 -7.52 -12.92
C GLN A 96 5.18 -6.93 -14.32
N GLY A 97 5.15 -5.61 -14.41
CA GLY A 97 5.34 -4.94 -15.68
C GLY A 97 4.17 -5.05 -16.64
N GLU A 98 2.99 -5.30 -16.08
CA GLU A 98 1.75 -5.40 -16.85
C GLU A 98 0.72 -4.36 -16.43
N GLY A 99 1.08 -3.51 -15.47
CA GLY A 99 0.16 -2.49 -15.01
C GLY A 99 -0.63 -2.86 -13.76
N ILE A 100 -0.40 -4.04 -13.21
CA ILE A 100 -1.16 -4.45 -12.02
C ILE A 100 -0.89 -3.53 -10.82
N GLY A 101 0.39 -3.26 -10.55
CA GLY A 101 0.73 -2.37 -9.46
C GLY A 101 0.08 -1.01 -9.64
N GLY A 102 0.15 -0.47 -10.85
CA GLY A 102 -0.44 0.83 -11.11
C GLY A 102 -1.94 0.83 -10.88
N LYS A 103 -2.60 -0.24 -11.29
CA LYS A 103 -4.05 -0.34 -11.06
C LYS A 103 -4.39 -0.41 -9.57
N LEU A 104 -3.61 -1.19 -8.81
CA LEU A 104 -3.82 -1.28 -7.36
C LEU A 104 -3.61 0.08 -6.69
N ILE A 105 -2.56 0.79 -7.10
CA ILE A 105 -2.25 2.08 -6.50
C ILE A 105 -3.35 3.09 -6.82
N ARG A 106 -3.74 3.19 -8.09
CA ARG A 106 -4.77 4.15 -8.48
CA ARG A 106 -4.78 4.14 -8.48
C ARG A 106 -6.09 3.86 -7.76
N GLU A 107 -6.47 2.58 -7.68
CA GLU A 107 -7.71 2.25 -7.03
C GLU A 107 -7.65 2.51 -5.52
N GLY A 108 -6.53 2.19 -4.88
CA GLY A 108 -6.37 2.47 -3.47
C GLY A 108 -6.45 3.95 -3.15
N LEU A 109 -5.77 4.76 -3.96
CA LEU A 109 -5.82 6.22 -3.76
C LEU A 109 -7.23 6.74 -3.95
N ALA A 110 -7.94 6.21 -4.94
CA ALA A 110 -9.31 6.66 -5.20
C ALA A 110 -10.20 6.33 -4.01
N GLN A 111 -9.99 5.16 -3.41
CA GLN A 111 -10.80 4.78 -2.27
C GLN A 111 -10.47 5.61 -1.03
N LEU A 112 -9.20 5.92 -0.82
CA LEU A 112 -8.83 6.83 0.27
C LEU A 112 -9.46 8.20 0.09
N ARG A 113 -9.33 8.76 -1.11
CA ARG A 113 -9.92 10.06 -1.37
CA ARG A 113 -9.95 10.05 -1.43
C ARG A 113 -11.44 10.01 -1.13
N GLY A 114 -12.06 8.94 -1.60
CA GLY A 114 -13.50 8.80 -1.51
C GLY A 114 -13.99 8.68 -0.10
N ALA A 115 -13.10 8.30 0.82
CA ALA A 115 -13.46 8.12 2.22
C ALA A 115 -13.10 9.32 3.08
N GLY A 116 -12.61 10.39 2.44
CA GLY A 116 -12.33 11.64 3.13
C GLY A 116 -10.90 11.88 3.57
N ALA A 117 -9.95 11.08 3.08
CA ALA A 117 -8.54 11.26 3.42
C ALA A 117 -8.01 12.60 2.93
N ARG A 118 -7.00 13.12 3.63
CA ARG A 118 -6.38 14.38 3.25
C ARG A 118 -5.12 14.20 2.42
N GLY A 119 -4.53 13.02 2.47
CA GLY A 119 -3.36 12.78 1.65
C GLY A 119 -2.69 11.45 1.89
N CYS A 120 -1.70 11.16 1.08
CA CYS A 120 -0.94 9.93 1.17
C CYS A 120 0.55 10.22 1.00
N VAL A 121 1.37 9.49 1.76
CA VAL A 121 2.82 9.57 1.63
CA VAL A 121 2.82 9.57 1.69
C VAL A 121 3.37 8.19 1.34
N LEU A 122 4.60 8.15 0.80
CA LEU A 122 5.27 6.88 0.59
C LEU A 122 6.78 7.06 0.49
N LEU A 123 7.50 5.96 0.64
CA LEU A 123 8.94 5.92 0.36
C LEU A 123 9.16 4.92 -0.77
N GLY A 124 9.84 5.34 -1.83
CA GLY A 124 10.08 4.44 -2.94
C GLY A 124 10.81 5.05 -4.11
N ASP A 125 10.71 4.37 -5.25
CA ASP A 125 11.40 4.73 -6.49
C ASP A 125 11.22 6.19 -6.83
N LEU A 126 12.28 6.80 -7.34
CA LEU A 126 12.29 8.24 -7.65
C LEU A 126 11.16 8.69 -8.58
N GLY A 127 10.92 7.95 -9.66
CA GLY A 127 10.02 8.43 -10.68
C GLY A 127 8.68 7.74 -10.86
N TYR A 128 8.58 6.48 -10.46
CA TYR A 128 7.40 5.68 -10.76
C TYR A 128 6.10 6.29 -10.24
N TYR A 129 6.12 6.81 -9.02
CA TYR A 129 4.90 7.25 -8.37
C TYR A 129 4.42 8.62 -8.84
N ARG A 130 5.20 9.28 -9.69
CA ARG A 130 4.77 10.56 -10.25
C ARG A 130 3.49 10.42 -11.06
N ARG A 131 3.26 9.24 -11.63
CA ARG A 131 2.08 9.03 -12.47
C ARG A 131 0.78 9.05 -11.65
N PHE A 132 0.90 8.97 -10.33
CA PHE A 132 -0.27 9.03 -9.46
C PHE A 132 -0.34 10.40 -8.77
N GLY A 133 0.53 11.32 -9.16
CA GLY A 133 0.50 12.65 -8.58
C GLY A 133 1.42 12.88 -7.39
N PHE A 134 2.18 11.88 -6.98
CA PHE A 134 3.13 12.06 -5.89
C PHE A 134 4.25 13.02 -6.28
N LYS A 135 4.63 13.87 -5.34
CA LYS A 135 5.72 14.82 -5.55
C LYS A 135 6.77 14.69 -4.45
N ALA A 136 8.01 15.02 -4.77
CA ALA A 136 9.11 14.93 -3.81
C ALA A 136 9.36 16.27 -3.12
N TYR A 149 13.50 12.08 0.63
CA TYR A 149 12.84 11.09 1.46
C TYR A 149 11.40 10.82 0.98
N PHE A 150 10.42 11.31 1.72
CA PHE A 150 9.02 11.06 1.44
C PHE A 150 8.55 11.62 0.10
N GLN A 151 7.61 10.94 -0.52
CA GLN A 151 6.86 11.48 -1.63
C GLN A 151 5.43 11.67 -1.16
N CYS A 152 4.79 12.73 -1.64
CA CYS A 152 3.52 13.16 -1.08
CA CYS A 152 3.56 13.19 -1.07
C CYS A 152 2.48 13.45 -2.14
N LEU A 153 1.26 13.03 -1.85
CA LEU A 153 0.10 13.33 -2.68
C LEU A 153 -0.98 13.92 -1.77
N ALA A 154 -1.26 15.21 -1.94
CA ALA A 154 -2.26 15.88 -1.13
C ALA A 154 -3.59 15.84 -1.84
N PHE A 155 -4.65 15.51 -1.11
CA PHE A 155 -6.00 15.51 -1.68
C PHE A 155 -6.68 16.86 -1.55
N GLY A 156 -6.17 17.67 -0.62
CA GLY A 156 -6.58 19.05 -0.46
C GLY A 156 -5.36 19.92 -0.27
N PRO A 157 -5.27 20.63 0.87
CA PRO A 157 -4.09 21.44 1.17
C PRO A 157 -2.82 20.59 1.24
N ASP A 158 -1.67 21.23 1.03
CA ASP A 158 -0.39 20.52 1.06
C ASP A 158 -0.14 19.91 2.42
N MET A 159 0.73 18.92 2.46
CA MET A 159 1.00 18.18 3.67
C MET A 159 1.47 19.09 4.79
N PRO A 160 0.78 19.03 5.94
CA PRO A 160 1.19 19.85 7.08
C PRO A 160 2.56 19.43 7.58
N GLN A 161 3.26 20.36 8.20
CA GLN A 161 4.62 20.11 8.66
C GLN A 161 4.61 19.34 9.97
N GLY A 162 5.67 18.57 10.20
CA GLY A 162 5.82 17.76 11.38
C GLY A 162 6.44 16.42 11.03
N ASP A 163 7.06 15.79 12.02
CA ASP A 163 7.68 14.48 11.82
C ASP A 163 6.63 13.47 11.39
N VAL A 164 6.94 12.70 10.34
CA VAL A 164 6.05 11.66 9.84
C VAL A 164 6.37 10.36 10.55
N ALA A 165 5.37 9.78 11.20
CA ALA A 165 5.56 8.50 11.87
C ALA A 165 4.62 7.47 11.29
N TYR A 166 5.18 6.40 10.73
CA TYR A 166 4.37 5.26 10.32
C TYR A 166 3.95 4.50 11.58
N HIS A 167 3.00 3.60 11.42
CA HIS A 167 2.53 2.78 12.52
C HIS A 167 3.67 1.95 13.10
N ALA A 168 3.55 1.61 14.38
CA ALA A 168 4.53 0.76 15.08
C ALA A 168 4.87 -0.53 14.34
N ALA A 169 3.91 -1.05 13.57
CA ALA A 169 4.14 -2.29 12.81
C ALA A 169 5.35 -2.19 11.89
N PHE A 170 5.63 -0.99 11.39
CA PHE A 170 6.76 -0.78 10.49
C PHE A 170 8.08 -0.75 11.25
N ASP A 171 7.98 -0.87 12.58
CA ASP A 171 9.07 -0.69 13.55
C ASP A 171 9.36 0.78 13.82
N1A ACO B . 4.10 -1.53 -21.51
C2A ACO B . 5.26 -0.95 -21.18
N3A ACO B . 5.61 -0.79 -19.92
C4A ACO B . 4.81 -1.19 -18.93
C5A ACO B . 3.61 -1.79 -19.23
C6A ACO B . 3.27 -1.95 -20.58
N6A ACO B . 2.02 -2.58 -20.96
N7A ACO B . 3.00 -2.10 -18.08
C8A ACO B . 3.80 -1.69 -17.10
N9A ACO B . 4.90 -1.15 -17.59
C1B ACO B . 6.02 -0.59 -16.82
C2B ACO B . 5.70 0.48 -16.08
O2B ACO B . 5.72 1.73 -16.82
C3B ACO B . 6.87 0.48 -14.89
O3B ACO B . 8.14 0.94 -15.44
P3B ACO B . 8.68 2.48 -15.26
O7A ACO B . 10.04 2.50 -15.92
O8A ACO B . 8.79 2.79 -13.79
O9A ACO B . 7.70 3.39 -15.95
C4B ACO B . 6.97 -0.81 -14.54
O4B ACO B . 6.42 -1.64 -15.75
C5B ACO B . 6.11 -1.27 -13.34
O5B ACO B . 4.83 -0.71 -13.43
P1A ACO B . 3.48 -1.59 -13.11
O1A ACO B . 3.29 -2.70 -14.10
O2A ACO B . 2.36 -0.61 -12.93
O3A ACO B . 3.77 -2.20 -11.64
P2A ACO B . 4.01 -3.75 -11.24
O4A ACO B . 2.75 -4.54 -11.41
O5A ACO B . 5.25 -4.28 -11.89
O6A ACO B . 4.23 -3.56 -9.66
CBP ACO B . 5.78 -3.21 -7.86
CCP ACO B . 5.20 -2.66 -9.17
CDP ACO B . 6.75 -2.17 -7.30
CEP ACO B . 4.62 -3.45 -6.90
CAP ACO B . 6.50 -4.53 -8.17
OAP ACO B . 7.64 -4.24 -8.95
C9P ACO B . 6.92 -5.31 -6.92
O9P ACO B . 6.18 -6.01 -6.32
N8P ACO B . 8.30 -5.15 -6.55
C7P ACO B . 8.86 -5.84 -5.41
C6P ACO B . 8.32 -5.29 -4.11
C5P ACO B . 8.53 -3.79 -4.00
O5P ACO B . 9.59 -3.30 -4.14
N4P ACO B . 7.36 -3.01 -3.73
C3P ACO B . 7.47 -1.57 -3.61
C2P ACO B . 8.01 -1.18 -2.24
S1P ACO B . 7.90 0.62 -2.07
C ACO B . 6.20 0.90 -1.53
O ACO B . 5.50 -0.01 -1.26
CH3 ACO B . 5.74 2.35 -1.46
C1 GOL C . 5.97 17.70 4.95
O1 GOL C . 4.63 18.06 5.22
C2 GOL C . 6.61 17.19 6.23
O2 GOL C . 5.62 16.75 7.13
C3 GOL C . 7.57 16.06 5.90
O3 GOL C . 8.29 15.71 7.07
#